data_4XTU
#
_entry.id   4XTU
#
_cell.length_a   63.684
_cell.length_b   68.735
_cell.length_c   115.282
_cell.angle_alpha   90.0
_cell.angle_beta   90.0
_cell.angle_gamma   90.0
#
_symmetry.space_group_name_H-M   'P 21 21 21'
#
loop_
_entity.id
_entity.type
_entity.pdbx_description
1 polymer 'Bifunctional ligase/repressor BirA'
2 non-polymer N-({[(1R,2S,3R,4R)-4-(6-amino-9H-purin-9-yl)-2,3-dihydroxycyclopentyl]methyl}sulfamoyl)-5-[(3aS,4S,6aR)-2-oxohexahydro-1H-thieno[3,4-d]imidazol-4-yl]pentanamide
3 water water
#
_entity_poly.entity_id   1
_entity_poly.type   'polypeptide(L)'
_entity_poly.pdbx_seq_one_letter_code
;GSHMVTDRDRLRPPLDERSLRDQLIGAGSGWRQLDVVAQTGSTNADLLARAASGADIDGVVLIAEHQTAGRGRHGRGWAA
TARAQIILSVGVRVVDVPVQAWGWLSLAAGLAVLDSVAPLIAVPPAETGLKWPNDVLARGGKLAGILAEVAQPFVVLGVG
LNVTQAPEEVDPDATSLLDLGVAAPDRNRIASRLLRELEARIIQWRNANPQLAADYRARSLTIGSRVRVELPGGQDVVGI
ARDIDDQGRLCLDVGGRTVVVSAGDVVHLR
;
_entity_poly.pdbx_strand_id   A,B
#
loop_
_chem_comp.id
_chem_comp.type
_chem_comp.name
_chem_comp.formula
44J non-polymer N-({[(1R,2S,3R,4R)-4-(6-amino-9H-purin-9-yl)-2,3-dihydroxycyclopentyl]methyl}sulfamoyl)-5-[(3aS,4S,6aR)-2-oxohexahydro-1H-thieno[3,4-d]imidazol-4-yl]pentanamide 'C21 H31 N9 O6 S2'
#
# COMPACT_ATOMS: atom_id res chain seq x y z
N VAL A 5 -3.21 17.74 -39.67
CA VAL A 5 -3.51 18.26 -41.01
C VAL A 5 -3.16 19.74 -41.05
N THR A 6 -3.03 20.30 -42.24
CA THR A 6 -2.70 21.71 -42.42
C THR A 6 -3.92 22.61 -42.24
N ASP A 7 -5.10 22.03 -42.29
CA ASP A 7 -6.32 22.78 -42.07
C ASP A 7 -6.56 23.04 -40.59
N ARG A 8 -5.95 22.21 -39.75
CA ARG A 8 -6.07 22.39 -38.30
C ARG A 8 -5.25 23.60 -37.86
N ASP A 9 -4.30 24.00 -38.69
CA ASP A 9 -3.51 25.20 -38.43
C ASP A 9 -4.42 26.43 -38.38
N ARG A 10 -5.48 26.40 -39.18
CA ARG A 10 -6.47 27.48 -39.19
C ARG A 10 -7.28 27.48 -37.90
N LEU A 11 -7.22 26.37 -37.17
CA LEU A 11 -7.93 26.24 -35.91
C LEU A 11 -6.99 26.45 -34.73
N ARG A 12 -5.81 26.98 -35.02
CA ARG A 12 -4.78 27.16 -33.98
C ARG A 12 -4.22 28.59 -33.91
N PRO A 13 -5.06 29.57 -33.53
CA PRO A 13 -4.54 30.92 -33.32
C PRO A 13 -3.62 30.97 -32.11
N PRO A 14 -2.73 31.96 -32.06
CA PRO A 14 -1.81 32.07 -30.91
C PRO A 14 -2.53 32.48 -29.63
N LEU A 15 -1.92 32.21 -28.48
CA LEU A 15 -2.45 32.65 -27.21
C LEU A 15 -2.29 34.16 -27.04
N ASP A 16 -3.19 34.74 -26.24
CA ASP A 16 -3.11 36.16 -25.91
C ASP A 16 -2.56 36.32 -24.50
N GLU A 17 -1.25 36.57 -24.40
CA GLU A 17 -0.58 36.66 -23.10
C GLU A 17 -1.13 37.80 -22.24
N ARG A 18 -1.34 38.95 -22.85
CA ARG A 18 -1.84 40.13 -22.14
C ARG A 18 -3.22 39.86 -21.55
N SER A 19 -4.10 39.25 -22.34
CA SER A 19 -5.44 38.92 -21.87
C SER A 19 -5.38 37.95 -20.69
N LEU A 20 -4.55 36.92 -20.81
CA LEU A 20 -4.40 35.93 -19.74
C LEU A 20 -3.89 36.59 -18.45
N ARG A 21 -2.93 37.49 -18.58
CA ARG A 21 -2.39 38.20 -17.43
C ARG A 21 -3.46 39.06 -16.77
N ASP A 22 -4.25 39.75 -17.59
CA ASP A 22 -5.31 40.62 -17.08
C ASP A 22 -6.36 39.82 -16.29
N GLN A 23 -6.64 38.61 -16.77
CA GLN A 23 -7.66 37.77 -16.14
C GLN A 23 -7.16 37.06 -14.89
N LEU A 24 -5.88 36.69 -14.87
CA LEU A 24 -5.38 35.76 -13.87
C LEU A 24 -4.42 36.35 -12.85
N ILE A 25 -3.96 37.58 -13.10
CA ILE A 25 -3.07 38.23 -12.15
C ILE A 25 -3.72 39.48 -11.57
N GLY A 26 -3.84 39.51 -10.25
CA GLY A 26 -4.46 40.63 -9.56
C GLY A 26 -5.23 40.16 -8.34
N ALA A 27 -6.00 41.07 -7.75
CA ALA A 27 -6.76 40.77 -6.55
C ALA A 27 -7.72 39.61 -6.77
N GLY A 28 -7.79 38.71 -5.80
CA GLY A 28 -8.67 37.55 -5.89
C GLY A 28 -8.01 36.34 -6.51
N SER A 29 -6.82 36.54 -7.08
CA SER A 29 -6.09 35.45 -7.72
C SER A 29 -4.73 35.23 -7.06
N GLY A 30 -4.30 33.98 -7.01
CA GLY A 30 -3.04 33.62 -6.37
C GLY A 30 -1.86 33.57 -7.31
N TRP A 31 -2.13 33.66 -8.61
CA TRP A 31 -1.05 33.62 -9.59
C TRP A 31 -0.28 34.93 -9.60
N ARG A 32 1.04 34.85 -9.47
CA ARG A 32 1.87 36.05 -9.33
C ARG A 32 2.53 36.46 -10.63
N GLN A 33 2.75 35.50 -11.52
CA GLN A 33 3.47 35.75 -12.76
C GLN A 33 3.00 34.79 -13.85
N LEU A 34 2.87 35.30 -15.06
CA LEU A 34 2.45 34.48 -16.19
C LEU A 34 3.20 34.88 -17.45
N ASP A 35 3.86 33.92 -18.08
CA ASP A 35 4.56 34.18 -19.33
C ASP A 35 4.18 33.16 -20.39
N VAL A 36 4.01 33.64 -21.61
CA VAL A 36 3.82 32.76 -22.76
C VAL A 36 5.06 32.85 -23.65
N VAL A 37 5.75 31.73 -23.80
CA VAL A 37 6.92 31.68 -24.68
C VAL A 37 6.57 30.98 -25.98
N ALA A 38 7.21 31.41 -27.07
CA ALA A 38 6.95 30.82 -28.37
C ALA A 38 7.36 29.35 -28.40
N GLN A 39 8.49 29.04 -27.77
CA GLN A 39 9.05 27.70 -27.83
C GLN A 39 10.03 27.44 -26.70
N THR A 40 10.05 26.21 -26.19
CA THR A 40 11.06 25.78 -25.22
C THR A 40 11.21 24.27 -25.27
N GLY A 41 12.27 23.77 -24.62
CA GLY A 41 12.49 22.34 -24.54
C GLY A 41 11.45 21.68 -23.66
N SER A 42 11.30 22.20 -22.45
CA SER A 42 10.34 21.67 -21.48
C SER A 42 9.98 22.72 -20.45
N THR A 43 8.69 23.05 -20.33
CA THR A 43 8.27 24.06 -19.37
C THR A 43 8.56 23.62 -17.94
N ASN A 44 8.45 22.31 -17.68
CA ASN A 44 8.80 21.78 -16.37
C ASN A 44 10.27 22.01 -16.06
N ALA A 45 11.14 21.69 -17.01
CA ALA A 45 12.57 21.88 -16.83
C ALA A 45 12.90 23.36 -16.60
N ASP A 46 12.21 24.24 -17.31
CA ASP A 46 12.46 25.67 -17.20
C ASP A 46 12.14 26.22 -15.81
N LEU A 47 11.01 25.82 -15.25
CA LEU A 47 10.64 26.29 -13.92
C LEU A 47 11.52 25.65 -12.85
N LEU A 48 11.92 24.41 -13.08
CA LEU A 48 12.85 23.73 -12.18
C LEU A 48 14.19 24.45 -12.17
N ALA A 49 14.60 24.94 -13.33
CA ALA A 49 15.88 25.64 -13.46
C ALA A 49 15.83 27.01 -12.79
N ARG A 50 14.68 27.68 -12.88
CA ARG A 50 14.49 28.95 -12.18
C ARG A 50 14.63 28.75 -10.68
N ALA A 51 13.94 27.74 -10.17
CA ALA A 51 13.98 27.43 -8.74
C ALA A 51 15.38 27.05 -8.31
N ALA A 52 16.10 26.36 -9.19
CA ALA A 52 17.45 25.91 -8.89
C ALA A 52 18.42 27.09 -8.79
N SER A 53 18.07 28.19 -9.44
CA SER A 53 18.91 29.39 -9.39
C SER A 53 18.41 30.40 -8.37
N GLY A 54 17.47 29.99 -7.54
CA GLY A 54 17.05 30.79 -6.39
C GLY A 54 15.74 31.54 -6.53
N ALA A 55 15.04 31.34 -7.64
CA ALA A 55 13.79 32.05 -7.87
C ALA A 55 12.64 31.50 -7.03
N ASP A 56 11.77 32.39 -6.57
CA ASP A 56 10.53 31.97 -5.92
C ASP A 56 9.49 31.70 -6.99
N ILE A 57 9.21 30.43 -7.25
CA ILE A 57 8.32 30.07 -8.35
C ILE A 57 6.90 29.74 -7.88
N ASP A 58 6.60 29.97 -6.61
CA ASP A 58 5.25 29.77 -6.12
C ASP A 58 4.28 30.70 -6.83
N GLY A 59 3.26 30.13 -7.47
CA GLY A 59 2.27 30.92 -8.16
C GLY A 59 2.74 31.45 -9.51
N VAL A 60 3.88 30.92 -9.98
CA VAL A 60 4.42 31.32 -11.27
C VAL A 60 3.92 30.39 -12.37
N VAL A 61 3.44 30.97 -13.46
CA VAL A 61 2.90 30.22 -14.59
C VAL A 61 3.77 30.39 -15.83
N LEU A 62 4.12 29.27 -16.45
CA LEU A 62 4.84 29.30 -17.72
C LEU A 62 4.09 28.49 -18.78
N ILE A 63 3.73 29.17 -19.87
CA ILE A 63 3.01 28.52 -20.96
C ILE A 63 3.84 28.57 -22.24
N ALA A 64 3.91 27.46 -22.94
CA ALA A 64 4.65 27.40 -24.20
C ALA A 64 3.74 27.06 -25.38
N GLU A 65 3.87 27.82 -26.46
CA GLU A 65 3.10 27.55 -27.67
C GLU A 65 3.56 26.25 -28.31
N HIS A 66 4.86 25.97 -28.18
CA HIS A 66 5.45 24.75 -28.70
C HIS A 66 6.50 24.21 -27.72
N GLN A 67 6.63 22.89 -27.67
CA GLN A 67 7.57 22.25 -26.75
C GLN A 67 8.31 21.13 -27.47
N THR A 68 9.63 21.24 -27.55
CA THR A 68 10.42 20.38 -28.45
C THR A 68 11.08 19.17 -27.77
N ALA A 69 11.18 19.21 -26.45
CA ALA A 69 11.77 18.10 -25.70
C ALA A 69 10.97 17.80 -24.44
N GLY A 70 9.67 17.62 -24.62
CA GLY A 70 8.76 17.42 -23.51
C GLY A 70 9.09 16.22 -22.64
N ARG A 71 8.79 16.35 -21.35
CA ARG A 71 9.04 15.28 -20.39
C ARG A 71 7.77 14.54 -20.02
N GLY A 72 7.86 13.22 -19.93
CA GLY A 72 6.78 12.41 -19.40
C GLY A 72 7.25 11.75 -18.11
N ARG A 73 6.40 10.92 -17.52
CA ARG A 73 6.79 10.17 -16.33
C ARG A 73 7.85 9.12 -16.66
N HIS A 74 8.63 8.76 -15.65
CA HIS A 74 9.60 7.66 -15.74
C HIS A 74 10.57 7.80 -16.91
N GLY A 75 11.05 9.02 -17.13
CA GLY A 75 12.04 9.27 -18.16
C GLY A 75 11.49 9.24 -19.58
N ARG A 76 10.18 9.05 -19.70
CA ARG A 76 9.55 9.08 -21.01
C ARG A 76 9.38 10.51 -21.49
N GLY A 77 8.84 10.68 -22.70
CA GLY A 77 8.74 12.01 -23.27
C GLY A 77 7.31 12.51 -23.41
N TRP A 78 7.16 13.58 -24.17
CA TRP A 78 5.86 14.16 -24.49
C TRP A 78 5.98 14.90 -25.82
N ALA A 79 5.11 14.55 -26.77
CA ALA A 79 5.20 15.13 -28.11
C ALA A 79 4.19 16.26 -28.28
N ALA A 80 4.55 17.24 -29.11
CA ALA A 80 3.67 18.37 -29.38
C ALA A 80 3.99 19.03 -30.71
N THR A 81 2.99 19.67 -31.29
CA THR A 81 3.22 20.59 -32.41
C THR A 81 2.71 21.96 -31.98
N ALA A 82 3.20 23.00 -32.65
CA ALA A 82 2.94 24.37 -32.24
C ALA A 82 1.45 24.72 -32.18
N ARG A 83 1.05 25.33 -31.07
CA ARG A 83 -0.29 25.88 -30.89
C ARG A 83 -1.42 24.84 -30.90
N ALA A 84 -1.05 23.56 -30.77
CA ALA A 84 -2.03 22.48 -30.81
C ALA A 84 -2.47 22.06 -29.41
N GLN A 85 -1.68 22.44 -28.41
CA GLN A 85 -1.95 22.08 -27.03
C GLN A 85 -1.94 23.28 -26.11
N ILE A 86 -2.47 23.11 -24.91
CA ILE A 86 -2.12 23.97 -23.81
C ILE A 86 -0.98 23.28 -23.08
N ILE A 87 0.20 23.88 -23.15
CA ILE A 87 1.41 23.34 -22.55
C ILE A 87 1.86 24.28 -21.44
N LEU A 88 1.71 23.87 -20.19
CA LEU A 88 2.10 24.76 -19.12
C LEU A 88 2.65 24.07 -17.88
N SER A 89 3.39 24.85 -17.11
CA SER A 89 3.89 24.43 -15.81
C SER A 89 3.59 25.52 -14.79
N VAL A 90 3.30 25.12 -13.56
CA VAL A 90 3.14 26.07 -12.47
C VAL A 90 4.00 25.66 -11.28
N GLY A 91 4.43 26.64 -10.50
CA GLY A 91 5.20 26.37 -9.31
C GLY A 91 4.30 26.36 -8.09
N VAL A 92 4.54 25.41 -7.20
CA VAL A 92 3.75 25.28 -5.98
C VAL A 92 4.66 25.06 -4.77
N ARG A 93 4.62 25.98 -3.81
CA ARG A 93 5.37 25.79 -2.57
C ARG A 93 4.67 24.71 -1.75
N VAL A 94 5.43 23.69 -1.32
CA VAL A 94 4.84 22.52 -0.69
C VAL A 94 5.42 22.18 0.68
N VAL A 95 6.44 22.92 1.10
CA VAL A 95 7.16 22.61 2.34
C VAL A 95 6.25 22.74 3.57
N ASP A 96 5.18 23.52 3.45
CA ASP A 96 4.23 23.72 4.55
C ASP A 96 3.35 22.48 4.76
N VAL A 97 3.29 21.63 3.75
CA VAL A 97 2.43 20.46 3.76
C VAL A 97 3.25 19.20 4.02
N PRO A 98 2.75 18.30 4.90
CA PRO A 98 3.42 17.02 5.16
C PRO A 98 3.76 16.27 3.87
N VAL A 99 4.96 15.72 3.80
CA VAL A 99 5.47 15.07 2.59
C VAL A 99 4.58 13.91 2.15
N GLN A 100 3.92 13.27 3.10
CA GLN A 100 3.05 12.13 2.81
C GLN A 100 1.87 12.51 1.93
N ALA A 101 1.55 13.80 1.90
CA ALA A 101 0.36 14.27 1.19
C ALA A 101 0.67 14.85 -0.19
N TRP A 102 1.95 14.93 -0.54
CA TRP A 102 2.36 15.57 -1.79
C TRP A 102 1.84 14.84 -3.02
N GLY A 103 1.58 13.54 -2.89
CA GLY A 103 1.09 12.75 -3.99
C GLY A 103 -0.28 13.18 -4.47
N TRP A 104 -1.04 13.82 -3.59
CA TRP A 104 -2.40 14.24 -3.93
C TRP A 104 -2.42 15.51 -4.77
N LEU A 105 -1.32 16.26 -4.75
CA LEU A 105 -1.20 17.47 -5.56
C LEU A 105 -1.29 17.10 -7.04
N SER A 106 -0.66 15.99 -7.39
CA SER A 106 -0.66 15.46 -8.74
C SER A 106 -2.07 15.05 -9.18
N LEU A 107 -2.81 14.42 -8.28
CA LEU A 107 -4.17 13.99 -8.57
C LEU A 107 -5.10 15.19 -8.72
N ALA A 108 -4.86 16.20 -7.88
CA ALA A 108 -5.65 17.43 -7.89
C ALA A 108 -5.53 18.15 -9.24
N ALA A 109 -4.34 18.12 -9.81
CA ALA A 109 -4.09 18.79 -11.08
C ALA A 109 -4.91 18.17 -12.21
N GLY A 110 -4.98 16.83 -12.23
CA GLY A 110 -5.75 16.13 -13.23
C GLY A 110 -7.22 16.46 -13.15
N LEU A 111 -7.71 16.52 -11.92
CA LEU A 111 -9.10 16.90 -11.66
C LEU A 111 -9.39 18.29 -12.19
N ALA A 112 -8.46 19.21 -11.97
CA ALA A 112 -8.62 20.59 -12.44
C ALA A 112 -8.68 20.65 -13.96
N VAL A 113 -7.82 19.89 -14.63
CA VAL A 113 -7.80 19.85 -16.08
C VAL A 113 -9.11 19.30 -16.63
N LEU A 114 -9.58 18.21 -16.04
CA LEU A 114 -10.84 17.59 -16.47
C LEU A 114 -12.01 18.57 -16.33
N ASP A 115 -12.09 19.22 -15.18
CA ASP A 115 -13.19 20.16 -14.93
C ASP A 115 -13.15 21.37 -15.86
N SER A 116 -11.97 21.73 -16.34
CA SER A 116 -11.83 22.91 -17.19
C SER A 116 -12.36 22.68 -18.60
N VAL A 117 -12.41 21.43 -19.04
CA VAL A 117 -12.79 21.13 -20.42
C VAL A 117 -14.08 20.30 -20.55
N ALA A 118 -14.49 19.67 -19.45
CA ALA A 118 -15.66 18.80 -19.47
C ALA A 118 -16.94 19.43 -20.06
N PRO A 119 -17.24 20.69 -19.72
CA PRO A 119 -18.48 21.26 -20.28
C PRO A 119 -18.42 21.60 -21.77
N LEU A 120 -17.24 21.52 -22.39
CA LEU A 120 -17.11 21.87 -23.80
C LEU A 120 -17.67 20.80 -24.72
N ILE A 121 -17.70 19.56 -24.22
CA ILE A 121 -18.25 18.45 -24.98
C ILE A 121 -19.77 18.46 -24.94
N ALA A 122 -20.40 18.21 -26.08
CA ALA A 122 -21.86 18.17 -26.16
C ALA A 122 -22.40 17.02 -25.31
N VAL A 123 -21.95 15.81 -25.60
CA VAL A 123 -22.31 14.64 -24.82
C VAL A 123 -21.07 13.82 -24.49
N PRO A 124 -20.78 13.66 -23.19
CA PRO A 124 -19.60 12.92 -22.75
C PRO A 124 -19.68 11.43 -23.10
N PRO A 125 -18.77 10.96 -23.95
CA PRO A 125 -18.75 9.54 -24.33
C PRO A 125 -18.23 8.66 -23.20
N ALA A 126 -18.33 7.35 -23.36
CA ALA A 126 -17.85 6.42 -22.36
C ALA A 126 -16.34 6.57 -22.16
N GLU A 127 -15.86 6.13 -21.00
CA GLU A 127 -14.44 6.20 -20.65
C GLU A 127 -13.94 7.64 -20.68
N THR A 128 -14.68 8.54 -20.05
CA THR A 128 -14.27 9.93 -19.91
C THR A 128 -14.13 10.30 -18.44
N GLY A 129 -12.91 10.61 -18.02
CA GLY A 129 -12.63 10.90 -16.63
C GLY A 129 -11.16 10.79 -16.32
N LEU A 130 -10.84 10.41 -15.09
CA LEU A 130 -9.45 10.35 -14.64
C LEU A 130 -8.92 8.93 -14.51
N LYS A 131 -7.78 8.68 -15.12
CA LYS A 131 -7.07 7.42 -14.90
C LYS A 131 -5.87 7.66 -14.00
N TRP A 132 -5.77 6.88 -12.93
CA TRP A 132 -4.66 6.99 -11.99
C TRP A 132 -3.35 6.68 -12.72
N PRO A 133 -2.28 7.46 -12.44
CA PRO A 133 -2.20 8.56 -11.48
C PRO A 133 -2.28 9.97 -12.05
N ASN A 134 -2.24 10.09 -13.38
N ASN A 134 -2.16 10.13 -13.36
CA ASN A 134 -2.04 11.38 -14.05
CA ASN A 134 -2.32 11.46 -13.94
C ASN A 134 -2.70 11.55 -15.42
C ASN A 134 -2.63 11.43 -15.41
N ASP A 135 -3.72 10.77 -15.74
CA ASP A 135 -4.28 10.78 -17.08
C ASP A 135 -5.69 11.34 -17.10
N VAL A 136 -5.93 12.28 -18.00
CA VAL A 136 -7.29 12.68 -18.33
C VAL A 136 -7.68 11.92 -19.59
N LEU A 137 -8.70 11.07 -19.47
CA LEU A 137 -9.13 10.26 -20.59
C LEU A 137 -10.49 10.70 -21.12
N ALA A 138 -10.69 10.51 -22.42
CA ALA A 138 -11.99 10.76 -23.04
C ALA A 138 -12.13 9.81 -24.23
N ARG A 139 -13.20 9.03 -24.22
CA ARG A 139 -13.43 8.00 -25.23
C ARG A 139 -12.26 7.01 -25.27
N GLY A 140 -11.62 6.83 -24.11
CA GLY A 140 -10.51 5.90 -23.99
C GLY A 140 -9.17 6.51 -24.39
N GLY A 141 -9.21 7.67 -25.04
CA GLY A 141 -8.00 8.32 -25.51
C GLY A 141 -7.40 9.26 -24.47
N LYS A 142 -6.08 9.44 -24.53
CA LYS A 142 -5.41 10.32 -23.58
C LYS A 142 -5.52 11.78 -24.00
N LEU A 143 -6.37 12.52 -23.29
CA LEU A 143 -6.65 13.91 -23.59
C LEU A 143 -5.60 14.84 -22.97
N ALA A 144 -5.09 14.45 -21.81
CA ALA A 144 -4.09 15.24 -21.11
C ALA A 144 -3.19 14.39 -20.24
N GLY A 145 -1.94 14.82 -20.10
CA GLY A 145 -0.98 14.15 -19.24
C GLY A 145 -0.41 15.15 -18.25
N ILE A 146 -0.17 14.68 -17.03
CA ILE A 146 0.31 15.57 -15.98
C ILE A 146 1.59 15.03 -15.36
N LEU A 147 2.55 15.93 -15.15
CA LEU A 147 3.83 15.54 -14.56
C LEU A 147 4.21 16.45 -13.39
N ALA A 148 4.39 15.85 -12.23
CA ALA A 148 4.79 16.59 -11.04
C ALA A 148 6.24 16.29 -10.71
N GLU A 149 7.04 17.32 -10.49
CA GLU A 149 8.45 17.14 -10.18
C GLU A 149 8.86 17.98 -8.97
N VAL A 150 9.78 17.43 -8.17
CA VAL A 150 10.17 18.05 -6.92
C VAL A 150 11.43 18.91 -7.04
N ALA A 151 11.37 20.10 -6.45
CA ALA A 151 12.53 20.97 -6.33
C ALA A 151 12.34 21.86 -5.10
N GLN A 152 12.78 21.35 -3.95
CA GLN A 152 12.58 22.00 -2.65
C GLN A 152 12.85 23.51 -2.69
N PRO A 153 11.94 24.30 -2.09
CA PRO A 153 10.74 23.83 -1.40
C PRO A 153 9.50 23.74 -2.31
N PHE A 154 9.70 23.50 -3.59
CA PHE A 154 8.60 23.54 -4.54
C PHE A 154 8.27 22.19 -5.18
N VAL A 155 7.06 22.11 -5.73
CA VAL A 155 6.72 21.11 -6.72
C VAL A 155 6.36 21.84 -8.00
N VAL A 156 6.92 21.40 -9.12
CA VAL A 156 6.54 21.94 -10.41
C VAL A 156 5.50 21.02 -11.05
N LEU A 157 4.32 21.57 -11.32
CA LEU A 157 3.22 20.81 -11.93
C LEU A 157 3.13 21.12 -13.41
N GLY A 158 3.25 20.08 -14.23
CA GLY A 158 3.18 20.25 -15.68
C GLY A 158 1.94 19.65 -16.28
N VAL A 159 1.32 20.38 -17.20
CA VAL A 159 0.11 19.92 -17.88
C VAL A 159 0.26 20.00 -19.39
N GLY A 160 0.06 18.87 -20.06
CA GLY A 160 -0.02 18.85 -21.51
C GLY A 160 -1.43 18.46 -21.91
N LEU A 161 -2.19 19.41 -22.46
CA LEU A 161 -3.59 19.18 -22.82
C LEU A 161 -3.80 19.31 -24.31
N ASN A 162 -4.23 18.21 -24.95
CA ASN A 162 -4.47 18.22 -26.39
C ASN A 162 -5.76 18.96 -26.75
N VAL A 163 -5.60 20.11 -27.39
CA VAL A 163 -6.75 20.93 -27.76
C VAL A 163 -7.19 20.61 -29.20
N THR A 164 -6.28 20.79 -30.15
CA THR A 164 -6.54 20.43 -31.53
C THR A 164 -5.50 19.43 -32.04
N GLN A 165 -4.64 18.97 -31.13
CA GLN A 165 -3.56 18.05 -31.47
C GLN A 165 -4.11 16.74 -32.04
N ALA A 166 -3.72 16.42 -33.27
CA ALA A 166 -4.11 15.15 -33.88
C ALA A 166 -3.26 14.01 -33.34
N PRO A 167 -3.89 12.85 -33.07
CA PRO A 167 -3.16 11.68 -32.57
C PRO A 167 -2.00 11.28 -33.49
N GLU A 168 -2.18 11.46 -34.79
CA GLU A 168 -1.15 11.10 -35.76
C GLU A 168 0.09 11.96 -35.61
N GLU A 169 -0.05 13.11 -34.96
CA GLU A 169 1.06 14.03 -34.75
C GLU A 169 1.89 13.69 -33.51
N VAL A 170 1.30 12.94 -32.57
CA VAL A 170 1.95 12.74 -31.28
C VAL A 170 1.96 11.30 -30.76
N ASP A 171 0.81 10.62 -30.79
CA ASP A 171 0.69 9.30 -30.20
C ASP A 171 -0.63 8.64 -30.58
N PRO A 172 -0.59 7.35 -30.94
CA PRO A 172 -1.80 6.64 -31.40
C PRO A 172 -2.88 6.49 -30.32
N ASP A 173 -2.50 6.59 -29.05
CA ASP A 173 -3.48 6.43 -27.97
C ASP A 173 -4.01 7.78 -27.48
N ALA A 174 -3.62 8.83 -28.17
CA ALA A 174 -4.02 10.18 -27.79
C ALA A 174 -5.39 10.56 -28.35
N THR A 175 -5.97 11.61 -27.77
CA THR A 175 -7.15 12.24 -28.35
C THR A 175 -7.06 13.73 -28.05
N SER A 176 -8.01 14.51 -28.57
CA SER A 176 -8.02 15.95 -28.34
C SER A 176 -9.46 16.44 -28.27
N LEU A 177 -9.65 17.68 -27.83
CA LEU A 177 -10.98 18.26 -27.78
C LEU A 177 -11.61 18.27 -29.17
N LEU A 178 -10.81 18.62 -30.17
CA LEU A 178 -11.29 18.65 -31.55
C LEU A 178 -11.74 17.26 -32.02
N ASP A 179 -10.98 16.24 -31.66
CA ASP A 179 -11.33 14.87 -32.03
C ASP A 179 -12.47 14.32 -31.17
N LEU A 180 -12.88 15.09 -30.17
CA LEU A 180 -14.03 14.72 -29.34
C LEU A 180 -15.28 15.47 -29.78
N GLY A 181 -15.16 16.22 -30.88
CA GLY A 181 -16.31 16.90 -31.45
C GLY A 181 -16.37 18.39 -31.22
N VAL A 182 -15.43 18.92 -30.44
CA VAL A 182 -15.38 20.36 -30.20
C VAL A 182 -14.79 21.07 -31.43
N ALA A 183 -15.67 21.70 -32.21
CA ALA A 183 -15.30 22.22 -33.53
C ALA A 183 -14.31 23.37 -33.49
N ALA A 184 -14.47 24.29 -32.56
CA ALA A 184 -13.61 25.46 -32.49
C ALA A 184 -13.21 25.80 -31.06
N PRO A 185 -12.30 24.99 -30.48
CA PRO A 185 -11.86 25.22 -29.10
C PRO A 185 -11.04 26.49 -28.98
N ASP A 186 -11.35 27.32 -27.98
CA ASP A 186 -10.62 28.55 -27.73
C ASP A 186 -9.61 28.32 -26.62
N ARG A 187 -8.32 28.24 -26.98
CA ARG A 187 -7.28 27.95 -26.00
C ARG A 187 -7.17 29.01 -24.92
N ASN A 188 -7.45 30.26 -25.27
N ASN A 188 -7.46 30.26 -25.27
CA ASN A 188 -7.41 31.35 -24.30
CA ASN A 188 -7.41 31.35 -24.30
C ASN A 188 -8.46 31.16 -23.21
C ASN A 188 -8.47 31.19 -23.21
N ARG A 189 -9.67 30.79 -23.61
CA ARG A 189 -10.75 30.55 -22.65
C ARG A 189 -10.43 29.33 -21.80
N ILE A 190 -9.93 28.28 -22.44
CA ILE A 190 -9.63 27.03 -21.76
C ILE A 190 -8.48 27.20 -20.78
N ALA A 191 -7.43 27.91 -21.18
CA ALA A 191 -6.29 28.15 -20.32
C ALA A 191 -6.70 28.92 -19.07
N SER A 192 -7.56 29.91 -19.25
CA SER A 192 -8.05 30.72 -18.13
C SER A 192 -8.84 29.87 -17.14
N ARG A 193 -9.74 29.04 -17.67
CA ARG A 193 -10.54 28.17 -16.81
C ARG A 193 -9.67 27.13 -16.12
N LEU A 194 -8.68 26.60 -16.83
CA LEU A 194 -7.78 25.60 -16.28
C LEU A 194 -7.03 26.15 -15.06
N LEU A 195 -6.46 27.34 -15.21
CA LEU A 195 -5.67 27.93 -14.14
C LEU A 195 -6.54 28.36 -12.96
N ARG A 196 -7.78 28.75 -13.23
CA ARG A 196 -8.74 29.05 -12.17
C ARG A 196 -9.09 27.79 -11.39
N GLU A 197 -9.34 26.70 -12.10
CA GLU A 197 -9.64 25.41 -11.46
C GLU A 197 -8.43 24.93 -10.67
N LEU A 198 -7.25 25.11 -11.25
CA LEU A 198 -6.02 24.64 -10.63
C LEU A 198 -5.74 25.34 -9.30
N GLU A 199 -5.94 26.66 -9.28
CA GLU A 199 -5.76 27.43 -8.05
C GLU A 199 -6.64 26.90 -6.93
N ALA A 200 -7.91 26.65 -7.24
CA ALA A 200 -8.86 26.16 -6.25
C ALA A 200 -8.44 24.80 -5.69
N ARG A 201 -8.03 23.90 -6.58
CA ARG A 201 -7.65 22.55 -6.16
C ARG A 201 -6.36 22.56 -5.34
N ILE A 202 -5.44 23.46 -5.68
CA ILE A 202 -4.20 23.58 -4.93
C ILE A 202 -4.49 24.08 -3.51
N ILE A 203 -5.41 25.04 -3.41
CA ILE A 203 -5.83 25.56 -2.10
C ILE A 203 -6.50 24.46 -1.28
N GLN A 204 -7.36 23.67 -1.91
CA GLN A 204 -8.00 22.54 -1.24
C GLN A 204 -6.96 21.55 -0.74
N TRP A 205 -5.98 21.25 -1.59
CA TRP A 205 -4.92 20.31 -1.24
C TRP A 205 -4.12 20.81 -0.03
N ARG A 206 -3.79 22.10 -0.05
CA ARG A 206 -3.00 22.70 1.01
C ARG A 206 -3.70 22.65 2.36
N ASN A 207 -5.03 22.73 2.33
CA ASN A 207 -5.81 22.74 3.56
C ASN A 207 -6.47 21.40 3.86
N ALA A 208 -6.05 20.37 3.14
CA ALA A 208 -6.54 19.01 3.34
C ALA A 208 -8.06 18.92 3.29
N ASN A 209 -8.65 19.65 2.34
CA ASN A 209 -10.10 19.64 2.17
C ASN A 209 -10.58 18.30 1.66
N PRO A 210 -11.50 17.66 2.40
CA PRO A 210 -12.05 16.35 2.02
C PRO A 210 -12.73 16.34 0.66
N GLN A 211 -13.15 17.51 0.18
CA GLN A 211 -13.86 17.57 -1.09
C GLN A 211 -12.94 17.23 -2.26
N LEU A 212 -11.64 17.45 -2.09
CA LEU A 212 -10.67 17.13 -3.13
C LEU A 212 -10.70 15.64 -3.44
N ALA A 213 -10.56 14.81 -2.41
CA ALA A 213 -10.59 13.37 -2.57
C ALA A 213 -11.95 12.90 -3.06
N ALA A 214 -13.01 13.54 -2.57
CA ALA A 214 -14.38 13.18 -2.95
C ALA A 214 -14.63 13.47 -4.41
N ASP A 215 -14.20 14.65 -4.88
CA ASP A 215 -14.38 15.03 -6.27
C ASP A 215 -13.54 14.17 -7.20
N TYR A 216 -12.35 13.76 -6.74
CA TYR A 216 -11.51 12.89 -7.54
C TYR A 216 -12.18 11.54 -7.74
N ARG A 217 -12.68 10.96 -6.65
CA ARG A 217 -13.34 9.66 -6.71
C ARG A 217 -14.53 9.68 -7.67
N ALA A 218 -15.27 10.79 -7.69
CA ALA A 218 -16.45 10.92 -8.52
C ALA A 218 -16.13 10.92 -10.01
N ARG A 219 -14.87 11.20 -10.34
CA ARG A 219 -14.45 11.30 -11.74
C ARG A 219 -13.45 10.22 -12.11
N SER A 220 -13.21 9.28 -11.20
CA SER A 220 -12.22 8.24 -11.43
C SER A 220 -12.76 7.14 -12.35
N LEU A 221 -12.00 6.83 -13.39
CA LEU A 221 -12.32 5.72 -14.28
C LEU A 221 -11.64 4.44 -13.77
N THR A 222 -10.67 4.62 -12.89
CA THR A 222 -9.85 3.50 -12.43
C THR A 222 -10.49 2.76 -11.26
N ILE A 223 -11.01 3.50 -10.28
CA ILE A 223 -11.64 2.88 -9.12
C ILE A 223 -12.83 2.03 -9.53
N GLY A 224 -12.80 0.75 -9.14
CA GLY A 224 -13.86 -0.18 -9.45
C GLY A 224 -13.62 -0.98 -10.72
N SER A 225 -12.54 -0.66 -11.42
CA SER A 225 -12.23 -1.33 -12.68
CA SER A 225 -12.23 -1.33 -12.68
C SER A 225 -11.16 -2.39 -12.53
N ARG A 226 -11.27 -3.45 -13.33
CA ARG A 226 -10.21 -4.45 -13.42
C ARG A 226 -9.03 -3.78 -14.10
N VAL A 227 -7.84 -3.93 -13.54
CA VAL A 227 -6.69 -3.24 -14.08
C VAL A 227 -5.44 -4.09 -14.12
N ARG A 228 -4.57 -3.77 -15.07
CA ARG A 228 -3.21 -4.28 -15.07
CA ARG A 228 -3.21 -4.28 -15.07
C ARG A 228 -2.28 -3.10 -14.79
N VAL A 229 -1.54 -3.19 -13.69
CA VAL A 229 -0.63 -2.10 -13.34
C VAL A 229 0.82 -2.49 -13.61
N GLU A 230 1.49 -1.72 -14.46
N GLU A 230 1.45 -1.73 -14.49
CA GLU A 230 2.88 -1.97 -14.77
CA GLU A 230 2.87 -1.90 -14.76
C GLU A 230 3.79 -1.17 -13.84
C GLU A 230 3.67 -1.13 -13.72
N LEU A 231 4.39 -1.85 -12.88
CA LEU A 231 5.20 -1.23 -11.84
C LEU A 231 6.54 -0.77 -12.38
N PRO A 232 7.15 0.22 -11.71
CA PRO A 232 8.54 0.56 -12.02
C PRO A 232 9.41 -0.67 -11.89
N GLY A 233 10.21 -0.98 -12.91
CA GLY A 233 11.03 -2.18 -12.90
C GLY A 233 10.51 -3.25 -13.83
N GLY A 234 9.30 -3.06 -14.34
CA GLY A 234 8.77 -3.94 -15.37
C GLY A 234 7.72 -4.97 -14.94
N GLN A 235 7.53 -5.15 -13.64
CA GLN A 235 6.58 -6.14 -13.15
C GLN A 235 5.12 -5.69 -13.34
N ASP A 236 4.27 -6.64 -13.69
CA ASP A 236 2.84 -6.37 -13.83
C ASP A 236 2.06 -6.98 -12.68
N VAL A 237 1.04 -6.26 -12.21
CA VAL A 237 0.11 -6.79 -11.22
C VAL A 237 -1.32 -6.60 -11.69
N VAL A 238 -2.08 -7.68 -11.69
CA VAL A 238 -3.48 -7.63 -12.13
C VAL A 238 -4.41 -7.73 -10.93
N GLY A 239 -5.40 -6.84 -10.88
CA GLY A 239 -6.38 -6.85 -9.81
C GLY A 239 -7.52 -5.90 -10.09
N ILE A 240 -8.24 -5.54 -9.04
CA ILE A 240 -9.32 -4.57 -9.16
C ILE A 240 -9.02 -3.36 -8.29
N ALA A 241 -9.00 -2.17 -8.90
CA ALA A 241 -8.73 -0.96 -8.14
C ALA A 241 -9.91 -0.63 -7.25
N ARG A 242 -9.63 -0.34 -5.98
CA ARG A 242 -10.70 -0.13 -5.01
C ARG A 242 -10.77 1.30 -4.48
N ASP A 243 -9.61 1.90 -4.24
CA ASP A 243 -9.57 3.21 -3.59
C ASP A 243 -8.21 3.91 -3.76
N ILE A 244 -8.18 5.19 -3.37
CA ILE A 244 -6.95 5.96 -3.27
C ILE A 244 -6.72 6.31 -1.80
N ASP A 245 -5.53 6.03 -1.26
CA ASP A 245 -5.29 6.31 0.15
C ASP A 245 -4.90 7.77 0.36
N ASP A 246 -4.56 8.12 1.59
CA ASP A 246 -4.27 9.51 1.94
C ASP A 246 -2.94 10.01 1.38
N GLN A 247 -2.17 9.12 0.77
CA GLN A 247 -0.91 9.50 0.15
C GLN A 247 -1.04 9.59 -1.37
N GLY A 248 -2.25 9.35 -1.86
CA GLY A 248 -2.51 9.40 -3.30
C GLY A 248 -2.16 8.11 -4.00
N ARG A 249 -1.96 7.05 -3.22
CA ARG A 249 -1.55 5.76 -3.78
C ARG A 249 -2.76 4.90 -4.15
N LEU A 250 -2.59 4.09 -5.18
CA LEU A 250 -3.67 3.26 -5.69
C LEU A 250 -3.78 1.95 -4.91
N CYS A 251 -4.95 1.69 -4.34
CA CYS A 251 -5.18 0.48 -3.57
C CYS A 251 -5.84 -0.59 -4.43
N LEU A 252 -5.16 -1.72 -4.60
CA LEU A 252 -5.66 -2.78 -5.45
C LEU A 252 -6.17 -3.97 -4.63
N ASP A 253 -7.24 -4.58 -5.11
CA ASP A 253 -7.68 -5.87 -4.60
C ASP A 253 -7.13 -6.97 -5.51
N VAL A 254 -6.21 -7.76 -4.97
CA VAL A 254 -5.65 -8.88 -5.72
C VAL A 254 -6.07 -10.19 -5.06
N GLY A 255 -7.19 -10.73 -5.50
CA GLY A 255 -7.71 -11.98 -4.96
C GLY A 255 -7.91 -11.95 -3.45
N GLY A 256 -8.36 -10.81 -2.93
CA GLY A 256 -8.60 -10.67 -1.51
C GLY A 256 -7.47 -10.01 -0.75
N ARG A 257 -6.32 -9.87 -1.40
CA ARG A 257 -5.18 -9.20 -0.77
C ARG A 257 -5.12 -7.74 -1.20
N THR A 258 -4.60 -6.89 -0.33
CA THR A 258 -4.46 -5.48 -0.64
C THR A 258 -3.04 -5.19 -1.12
N VAL A 259 -2.94 -4.62 -2.31
CA VAL A 259 -1.65 -4.16 -2.84
C VAL A 259 -1.73 -2.66 -3.11
N VAL A 260 -0.90 -1.90 -2.42
CA VAL A 260 -0.90 -0.44 -2.56
C VAL A 260 0.25 0.01 -3.44
N VAL A 261 -0.08 0.71 -4.53
CA VAL A 261 0.91 1.11 -5.51
C VAL A 261 1.14 2.62 -5.48
N SER A 262 2.40 3.03 -5.33
CA SER A 262 2.71 4.47 -5.27
CA SER A 262 2.74 4.45 -5.27
C SER A 262 2.94 5.04 -6.67
N ALA A 263 3.40 4.21 -7.60
CA ALA A 263 3.67 4.65 -8.96
C ALA A 263 3.53 3.50 -9.94
N GLY A 264 3.09 3.80 -11.14
CA GLY A 264 2.95 2.79 -12.17
C GLY A 264 2.03 3.19 -13.31
N ASP A 265 2.00 2.37 -14.35
CA ASP A 265 1.15 2.61 -15.50
C ASP A 265 -0.08 1.71 -15.45
N VAL A 266 -1.26 2.33 -15.45
CA VAL A 266 -2.50 1.59 -15.34
C VAL A 266 -3.15 1.33 -16.71
N VAL A 267 -3.54 0.08 -16.93
CA VAL A 267 -4.34 -0.28 -18.08
C VAL A 267 -5.68 -0.80 -17.61
N HIS A 268 -6.76 -0.18 -18.08
CA HIS A 268 -8.10 -0.62 -17.72
C HIS A 268 -8.51 -1.85 -18.53
N LEU A 269 -8.92 -2.90 -17.83
CA LEU A 269 -9.27 -4.15 -18.49
C LEU A 269 -10.78 -4.32 -18.63
N ARG A 270 -11.18 -5.31 -19.42
CA ARG A 270 -12.58 -5.64 -19.61
C ARG A 270 -13.23 -6.11 -18.32
N ARG B 8 9.30 -41.14 18.54
CA ARG B 8 9.45 -39.94 19.37
C ARG B 8 8.37 -39.89 20.45
N ASP B 9 7.63 -40.98 20.59
CA ASP B 9 6.57 -41.08 21.60
C ASP B 9 7.17 -40.98 23.00
N ARG B 10 8.39 -41.47 23.14
CA ARG B 10 9.14 -41.41 24.40
C ARG B 10 9.27 -39.98 24.91
N LEU B 11 9.46 -39.04 23.98
CA LEU B 11 9.72 -37.66 24.33
C LEU B 11 8.46 -36.81 24.37
N ARG B 12 7.30 -37.46 24.43
CA ARG B 12 6.03 -36.73 24.40
C ARG B 12 5.11 -37.03 25.58
N PRO B 13 5.50 -36.61 26.80
CA PRO B 13 4.58 -36.71 27.93
C PRO B 13 3.41 -35.76 27.76
N PRO B 14 2.27 -36.05 28.40
CA PRO B 14 1.13 -35.14 28.32
C PRO B 14 1.38 -33.85 29.08
N LEU B 15 0.61 -32.81 28.76
CA LEU B 15 0.71 -31.54 29.47
C LEU B 15 0.09 -31.66 30.85
N ASP B 16 0.63 -30.90 31.80
CA ASP B 16 0.09 -30.86 33.16
C ASP B 16 -0.77 -29.61 33.31
N GLU B 17 -2.08 -29.77 33.13
CA GLU B 17 -3.01 -28.64 33.19
C GLU B 17 -3.01 -27.96 34.55
N ARG B 18 -2.99 -28.77 35.61
CA ARG B 18 -3.01 -28.23 36.98
C ARG B 18 -1.75 -27.40 37.25
N SER B 19 -0.61 -27.88 36.77
CA SER B 19 0.66 -27.17 36.97
C SER B 19 0.65 -25.83 36.25
N LEU B 20 0.19 -25.83 35.00
CA LEU B 20 0.10 -24.60 34.22
C LEU B 20 -0.83 -23.58 34.88
N ARG B 21 -1.95 -24.06 35.40
CA ARG B 21 -2.90 -23.19 36.09
C ARG B 21 -2.28 -22.57 37.33
N ASP B 22 -1.62 -23.40 38.14
CA ASP B 22 -1.00 -22.92 39.36
C ASP B 22 0.09 -21.89 39.07
N GLN B 23 0.83 -22.09 37.99
CA GLN B 23 1.95 -21.22 37.66
C GLN B 23 1.50 -19.90 37.04
N LEU B 24 0.43 -19.94 36.26
CA LEU B 24 0.07 -18.81 35.40
C LEU B 24 -1.20 -18.06 35.80
N ILE B 25 -2.25 -18.80 36.15
CA ILE B 25 -3.58 -18.22 36.23
C ILE B 25 -3.83 -17.52 37.56
N GLY B 26 -3.83 -16.19 37.53
CA GLY B 26 -3.99 -15.38 38.73
C GLY B 26 -2.68 -15.24 39.48
N ALA B 27 -1.61 -15.81 38.92
CA ALA B 27 -0.33 -15.85 39.60
C ALA B 27 0.77 -15.20 38.76
N GLY B 28 1.50 -16.02 38.01
CA GLY B 28 2.63 -15.56 37.22
C GLY B 28 2.24 -14.83 35.94
N SER B 29 0.94 -14.64 35.73
CA SER B 29 0.47 -13.94 34.54
C SER B 29 -0.92 -13.34 34.75
N GLY B 30 -1.34 -12.53 33.79
CA GLY B 30 -2.66 -11.91 33.82
C GLY B 30 -3.73 -12.75 33.13
N TRP B 31 -3.34 -13.91 32.61
CA TRP B 31 -4.32 -14.84 32.03
C TRP B 31 -5.27 -15.30 33.12
N ARG B 32 -6.56 -15.40 32.79
CA ARG B 32 -7.57 -15.63 33.82
C ARG B 32 -8.28 -16.99 33.72
N GLN B 33 -7.97 -17.75 32.68
CA GLN B 33 -8.53 -19.09 32.51
C GLN B 33 -7.66 -19.90 31.58
N LEU B 34 -7.45 -21.17 31.93
CA LEU B 34 -6.66 -22.06 31.11
C LEU B 34 -7.24 -23.46 31.10
N ASP B 35 -7.42 -24.01 29.91
CA ASP B 35 -7.91 -25.37 29.76
C ASP B 35 -7.04 -26.13 28.77
N VAL B 36 -6.74 -27.38 29.10
CA VAL B 36 -6.07 -28.28 28.17
C VAL B 36 -7.07 -29.35 27.72
N VAL B 37 -7.22 -29.50 26.42
CA VAL B 37 -8.09 -30.54 25.87
C VAL B 37 -7.25 -31.59 25.14
N ALA B 38 -7.70 -32.83 25.18
CA ALA B 38 -6.96 -33.92 24.55
C ALA B 38 -6.97 -33.79 23.04
N GLN B 39 -8.12 -33.42 22.48
CA GLN B 39 -8.28 -33.35 21.04
C GLN B 39 -9.43 -32.43 20.64
N THR B 40 -9.20 -31.64 19.60
CA THR B 40 -10.24 -30.79 19.04
C THR B 40 -9.95 -30.53 17.57
N GLY B 41 -10.90 -29.94 16.86
CA GLY B 41 -10.70 -29.62 15.46
C GLY B 41 -9.73 -28.46 15.30
N SER B 42 -10.01 -27.36 15.99
CA SER B 42 -9.17 -26.18 15.95
C SER B 42 -9.39 -25.34 17.20
N THR B 43 -8.31 -25.01 17.90
CA THR B 43 -8.40 -24.20 19.11
C THR B 43 -8.87 -22.79 18.78
N ASN B 44 -8.48 -22.29 17.60
CA ASN B 44 -8.97 -21.00 17.14
C ASN B 44 -10.48 -21.04 16.96
N ALA B 45 -10.96 -22.08 16.29
CA ALA B 45 -12.39 -22.26 16.05
C ALA B 45 -13.17 -22.31 17.36
N ASP B 46 -12.62 -23.00 18.35
CA ASP B 46 -13.29 -23.20 19.63
C ASP B 46 -13.49 -21.89 20.40
N LEU B 47 -12.44 -21.07 20.47
CA LEU B 47 -12.54 -19.80 21.18
C LEU B 47 -13.44 -18.82 20.44
N LEU B 48 -13.40 -18.88 19.11
CA LEU B 48 -14.29 -18.06 18.30
C LEU B 48 -15.75 -18.44 18.58
N ALA B 49 -16.00 -19.74 18.73
CA ALA B 49 -17.35 -20.23 19.01
C ALA B 49 -17.82 -19.81 20.40
N ARG B 50 -16.89 -19.70 21.34
CA ARG B 50 -17.22 -19.22 22.67
C ARG B 50 -17.65 -17.76 22.64
N ALA B 51 -16.89 -16.94 21.90
CA ALA B 51 -17.20 -15.53 21.76
C ALA B 51 -18.55 -15.35 21.08
N ALA B 52 -18.81 -16.18 20.07
CA ALA B 52 -20.06 -16.11 19.32
C ALA B 52 -21.26 -16.46 20.20
N SER B 53 -21.03 -17.30 21.20
CA SER B 53 -22.10 -17.71 22.11
C SER B 53 -22.40 -16.63 23.15
N GLY B 54 -21.52 -15.65 23.25
CA GLY B 54 -21.72 -14.54 24.15
C GLY B 54 -20.74 -14.50 25.31
N ALA B 55 -19.83 -15.47 25.33
CA ALA B 55 -18.83 -15.55 26.40
C ALA B 55 -17.69 -14.57 26.16
N ASP B 56 -17.23 -13.93 27.23
CA ASP B 56 -16.08 -13.04 27.14
C ASP B 56 -14.80 -13.87 27.19
N ILE B 57 -14.01 -13.80 26.13
CA ILE B 57 -12.83 -14.63 26.03
C ILE B 57 -11.52 -13.88 26.25
N ASP B 58 -11.61 -12.63 26.69
CA ASP B 58 -10.39 -11.87 26.99
C ASP B 58 -9.62 -12.54 28.13
N GLY B 59 -8.36 -12.86 27.88
CA GLY B 59 -7.51 -13.46 28.89
C GLY B 59 -7.72 -14.95 29.04
N VAL B 60 -8.47 -15.54 28.11
CA VAL B 60 -8.75 -16.98 28.16
C VAL B 60 -7.76 -17.76 27.30
N VAL B 61 -7.26 -18.87 27.85
CA VAL B 61 -6.28 -19.70 27.17
C VAL B 61 -6.83 -21.09 26.90
N LEU B 62 -6.68 -21.56 25.67
CA LEU B 62 -7.08 -22.92 25.31
C LEU B 62 -5.93 -23.65 24.63
N ILE B 63 -5.55 -24.79 25.20
CA ILE B 63 -4.45 -25.60 24.65
C ILE B 63 -4.95 -27.00 24.29
N ALA B 64 -4.54 -27.49 23.13
CA ALA B 64 -4.93 -28.83 22.69
C ALA B 64 -3.72 -29.74 22.52
N GLU B 65 -3.80 -30.95 23.06
CA GLU B 65 -2.74 -31.93 22.88
C GLU B 65 -2.67 -32.35 21.41
N HIS B 66 -3.83 -32.44 20.77
CA HIS B 66 -3.90 -32.79 19.37
C HIS B 66 -4.94 -31.93 18.66
N GLN B 67 -4.65 -31.58 17.41
CA GLN B 67 -5.54 -30.76 16.61
C GLN B 67 -5.73 -31.42 15.25
N THR B 68 -6.96 -31.81 14.95
CA THR B 68 -7.24 -32.66 13.79
C THR B 68 -7.59 -31.87 12.52
N ALA B 69 -8.12 -30.66 12.69
CA ALA B 69 -8.51 -29.83 11.56
C ALA B 69 -7.98 -28.41 11.71
N GLY B 70 -6.65 -28.30 11.86
CA GLY B 70 -6.02 -27.03 12.12
C GLY B 70 -6.23 -26.00 11.02
N ARG B 71 -6.19 -24.74 11.41
CA ARG B 71 -6.36 -23.63 10.47
C ARG B 71 -5.04 -22.91 10.23
N GLY B 72 -4.72 -22.71 8.96
CA GLY B 72 -3.60 -21.85 8.58
C GLY B 72 -4.18 -20.58 8.01
N ARG B 73 -3.34 -19.68 7.52
CA ARG B 73 -3.84 -18.45 6.97
C ARG B 73 -4.29 -18.64 5.52
N HIS B 74 -5.23 -17.82 5.09
CA HIS B 74 -5.69 -17.79 3.69
C HIS B 74 -6.25 -19.12 3.23
N GLY B 75 -7.03 -19.77 4.09
CA GLY B 75 -7.71 -21.00 3.73
C GLY B 75 -6.85 -22.24 3.87
N ARG B 76 -5.54 -22.05 4.08
CA ARG B 76 -4.64 -23.18 4.25
C ARG B 76 -4.90 -23.84 5.61
N GLY B 77 -4.35 -25.03 5.79
CA GLY B 77 -4.54 -25.75 7.03
C GLY B 77 -3.32 -25.68 7.93
N TRP B 78 -3.35 -26.48 8.99
CA TRP B 78 -2.22 -26.66 9.87
C TRP B 78 -2.26 -28.10 10.37
N ALA B 79 -1.13 -28.80 10.26
CA ALA B 79 -1.09 -30.22 10.59
C ALA B 79 -0.37 -30.47 11.91
N ALA B 80 -0.75 -31.54 12.60
CA ALA B 80 -0.16 -31.85 13.89
C ALA B 80 -0.22 -33.33 14.22
N THR B 81 0.74 -33.78 15.02
CA THR B 81 0.71 -35.08 15.64
C THR B 81 0.44 -34.87 17.12
N ALA B 82 -0.23 -35.82 17.76
CA ALA B 82 -0.61 -35.68 19.17
C ALA B 82 0.61 -35.46 20.07
N ARG B 83 0.51 -34.45 20.94
CA ARG B 83 1.54 -34.13 21.93
CA ARG B 83 1.53 -34.13 21.93
C ARG B 83 2.89 -33.77 21.30
N ALA B 84 2.90 -33.48 20.01
CA ALA B 84 4.14 -33.13 19.32
C ALA B 84 4.35 -31.62 19.26
N GLN B 85 3.29 -30.87 19.52
CA GLN B 85 3.35 -29.42 19.47
C GLN B 85 2.79 -28.78 20.72
N ILE B 86 3.10 -27.49 20.88
CA ILE B 86 2.30 -26.64 21.75
C ILE B 86 1.28 -25.96 20.84
N ILE B 87 0.02 -26.36 21.01
CA ILE B 87 -1.07 -25.86 20.19
C ILE B 87 -2.02 -25.06 21.05
N LEU B 88 -1.99 -23.74 20.91
CA LEU B 88 -2.85 -22.93 21.78
C LEU B 88 -3.45 -21.72 21.09
N SER B 89 -4.55 -21.25 21.66
CA SER B 89 -5.17 -20.00 21.25
C SER B 89 -5.48 -19.17 22.49
N VAL B 90 -5.34 -17.86 22.37
CA VAL B 90 -5.69 -16.96 23.46
C VAL B 90 -6.68 -15.91 22.97
N GLY B 91 -7.53 -15.45 23.87
CA GLY B 91 -8.49 -14.41 23.55
C GLY B 91 -7.99 -13.05 23.98
N VAL B 92 -8.15 -12.06 23.09
CA VAL B 92 -7.66 -10.72 23.34
C VAL B 92 -8.72 -9.68 22.99
N ARG B 93 -9.14 -8.88 23.96
CA ARG B 93 -10.05 -7.76 23.68
C ARG B 93 -9.30 -6.64 22.99
N VAL B 94 -9.76 -6.23 21.82
CA VAL B 94 -9.03 -5.28 20.99
C VAL B 94 -9.83 -4.03 20.62
N VAL B 95 -11.08 -3.97 21.07
CA VAL B 95 -12.00 -2.92 20.63
C VAL B 95 -11.54 -1.51 21.02
N ASP B 96 -10.71 -1.42 22.05
CA ASP B 96 -10.22 -0.13 22.52
C ASP B 96 -8.90 0.26 21.85
N VAL B 97 -8.43 -0.59 20.96
CA VAL B 97 -7.23 -0.31 20.16
C VAL B 97 -7.64 0.01 18.73
N PRO B 98 -7.07 1.08 18.14
CA PRO B 98 -7.35 1.46 16.75
C PRO B 98 -7.28 0.27 15.79
N VAL B 99 -8.28 0.13 14.94
CA VAL B 99 -8.42 -1.03 14.06
C VAL B 99 -7.19 -1.30 13.20
N GLN B 100 -6.55 -0.23 12.72
CA GLN B 100 -5.39 -0.37 11.85
C GLN B 100 -4.21 -1.04 12.54
N ALA B 101 -4.19 -1.00 13.86
CA ALA B 101 -3.08 -1.58 14.62
C ALA B 101 -3.27 -3.08 14.88
N TRP B 102 -4.46 -3.60 14.60
CA TRP B 102 -4.77 -5.00 14.90
C TRP B 102 -3.85 -5.96 14.14
N GLY B 103 -3.33 -5.51 13.00
CA GLY B 103 -2.46 -6.34 12.19
C GLY B 103 -1.12 -6.64 12.84
N TRP B 104 -0.80 -5.92 13.91
CA TRP B 104 0.47 -6.11 14.59
C TRP B 104 0.40 -7.16 15.69
N LEU B 105 -0.80 -7.65 16.00
CA LEU B 105 -0.95 -8.66 17.03
C LEU B 105 -0.26 -9.96 16.67
N SER B 106 -0.43 -10.41 15.43
CA SER B 106 0.20 -11.63 14.95
C SER B 106 1.72 -11.51 14.97
N LEU B 107 2.21 -10.32 14.60
CA LEU B 107 3.65 -10.07 14.59
C LEU B 107 4.21 -10.09 16.00
N ALA B 108 3.46 -9.52 16.94
CA ALA B 108 3.85 -9.52 18.34
C ALA B 108 3.91 -10.95 18.88
N ALA B 109 2.97 -11.78 18.47
CA ALA B 109 2.92 -13.17 18.91
C ALA B 109 4.12 -13.96 18.41
N GLY B 110 4.54 -13.68 17.18
CA GLY B 110 5.71 -14.33 16.61
C GLY B 110 6.96 -13.99 17.40
N LEU B 111 7.04 -12.75 17.86
CA LEU B 111 8.16 -12.30 18.67
C LEU B 111 8.16 -13.03 20.00
N ALA B 112 6.99 -13.22 20.58
CA ALA B 112 6.86 -13.92 21.86
C ALA B 112 7.30 -15.37 21.74
N VAL B 113 6.97 -16.01 20.63
CA VAL B 113 7.37 -17.39 20.39
C VAL B 113 8.89 -17.49 20.26
N LEU B 114 9.47 -16.57 19.51
CA LEU B 114 10.91 -16.55 19.30
C LEU B 114 11.66 -16.41 20.61
N ASP B 115 11.23 -15.48 21.46
CA ASP B 115 11.87 -15.24 22.74
C ASP B 115 11.69 -16.41 23.70
N SER B 116 10.60 -17.14 23.55
CA SER B 116 10.29 -18.25 24.46
CA SER B 116 10.29 -18.25 24.46
C SER B 116 11.22 -19.44 24.25
N VAL B 117 11.68 -19.64 23.02
CA VAL B 117 12.53 -20.78 22.71
C VAL B 117 14.01 -20.40 22.56
N ALA B 118 14.30 -19.11 22.67
CA ALA B 118 15.67 -18.61 22.49
C ALA B 118 16.71 -19.25 23.42
N PRO B 119 16.40 -19.38 24.73
CA PRO B 119 17.44 -19.99 25.58
C PRO B 119 17.55 -21.51 25.43
N LEU B 120 16.84 -22.08 24.48
CA LEU B 120 16.86 -23.53 24.28
C LEU B 120 17.71 -23.93 23.07
N ILE B 121 17.71 -23.09 22.04
CA ILE B 121 18.31 -23.45 20.77
C ILE B 121 19.78 -23.01 20.69
N ALA B 122 20.64 -23.93 20.29
CA ALA B 122 22.06 -23.64 20.15
C ALA B 122 22.34 -23.03 18.76
N VAL B 123 22.19 -21.71 18.65
CA VAL B 123 22.39 -20.98 17.40
C VAL B 123 23.14 -19.66 17.59
N ALA B 126 21.48 -16.68 13.75
CA ALA B 126 21.43 -15.87 12.55
C ALA B 126 20.45 -16.44 11.52
N GLU B 127 20.29 -17.77 11.54
CA GLU B 127 19.35 -18.44 10.65
C GLU B 127 17.97 -18.42 11.30
N THR B 128 17.91 -17.84 12.49
CA THR B 128 16.70 -17.86 13.31
C THR B 128 16.11 -16.47 13.45
N GLY B 129 14.79 -16.37 13.31
CA GLY B 129 14.12 -15.08 13.40
C GLY B 129 12.69 -15.13 12.91
N LEU B 130 12.18 -13.98 12.47
CA LEU B 130 10.79 -13.88 12.06
C LEU B 130 10.65 -13.66 10.56
N LYS B 131 9.79 -14.45 9.93
CA LYS B 131 9.47 -14.27 8.52
C LYS B 131 8.04 -13.76 8.38
N TRP B 132 7.90 -12.56 7.81
CA TRP B 132 6.60 -11.92 7.63
C TRP B 132 5.72 -12.76 6.72
N PRO B 133 4.42 -12.89 7.07
CA PRO B 133 3.80 -12.33 8.27
C PRO B 133 3.39 -13.34 9.35
N ASN B 134 3.60 -14.63 9.10
CA ASN B 134 3.05 -15.65 10.01
C ASN B 134 4.08 -16.62 10.60
N ASP B 135 5.36 -16.43 10.27
CA ASP B 135 6.36 -17.49 10.51
C ASP B 135 7.41 -17.19 11.58
N VAL B 136 7.75 -18.21 12.35
CA VAL B 136 8.96 -18.20 13.16
C VAL B 136 9.92 -19.21 12.56
N LEU B 137 11.10 -18.75 12.13
CA LEU B 137 12.05 -19.63 11.46
C LEU B 137 13.25 -19.95 12.32
N ALA B 138 13.78 -21.15 12.13
CA ALA B 138 15.03 -21.56 12.75
C ALA B 138 15.76 -22.49 11.79
N ARG B 139 16.99 -22.12 11.44
CA ARG B 139 17.79 -22.87 10.47
C ARG B 139 17.05 -23.01 9.15
N GLY B 140 16.27 -21.99 8.80
CA GLY B 140 15.55 -21.96 7.54
C GLY B 140 14.21 -22.68 7.57
N GLY B 141 13.98 -23.48 8.61
CA GLY B 141 12.75 -24.24 8.74
C GLY B 141 11.68 -23.53 9.53
N LYS B 142 10.42 -23.85 9.25
CA LYS B 142 9.32 -23.22 9.97
C LYS B 142 9.09 -23.89 11.31
N LEU B 143 9.45 -23.17 12.37
CA LEU B 143 9.37 -23.69 13.73
C LEU B 143 7.99 -23.46 14.35
N ALA B 144 7.34 -22.39 13.93
CA ALA B 144 6.02 -22.05 14.45
C ALA B 144 5.19 -21.24 13.46
N GLY B 145 3.87 -21.42 13.52
CA GLY B 145 2.95 -20.65 12.71
C GLY B 145 1.98 -19.89 13.57
N ILE B 146 1.66 -18.66 13.17
CA ILE B 146 0.79 -17.78 13.93
C ILE B 146 -0.44 -17.38 13.13
N LEU B 147 -1.61 -17.42 13.76
CA LEU B 147 -2.85 -17.03 13.10
C LEU B 147 -3.77 -16.23 14.01
N ALA B 148 -4.05 -14.99 13.60
CA ALA B 148 -4.98 -14.13 14.31
C ALA B 148 -6.30 -14.03 13.55
N GLU B 149 -7.40 -14.23 14.26
CA GLU B 149 -8.73 -14.13 13.65
C GLU B 149 -9.62 -13.16 14.42
N VAL B 150 -10.33 -12.32 13.68
CA VAL B 150 -11.12 -11.26 14.28
C VAL B 150 -12.54 -11.72 14.62
N ALA B 151 -12.96 -11.42 15.84
CA ALA B 151 -14.34 -11.62 16.27
C ALA B 151 -14.68 -10.56 17.30
N GLN B 152 -14.98 -9.36 16.82
CA GLN B 152 -15.17 -8.19 17.67
C GLN B 152 -16.11 -8.47 18.85
N PRO B 153 -15.76 -7.96 20.03
CA PRO B 153 -14.61 -7.08 20.31
C PRO B 153 -13.28 -7.80 20.54
N PHE B 154 -13.17 -9.03 20.06
CA PHE B 154 -11.97 -9.83 20.33
C PHE B 154 -11.15 -10.16 19.09
N VAL B 155 -9.89 -10.50 19.33
CA VAL B 155 -9.07 -11.22 18.36
C VAL B 155 -8.69 -12.54 19.01
N VAL B 156 -8.83 -13.62 18.25
CA VAL B 156 -8.36 -14.92 18.72
C VAL B 156 -6.97 -15.18 18.12
N LEU B 157 -5.98 -15.29 19.00
CA LEU B 157 -4.59 -15.40 18.59
C LEU B 157 -4.10 -16.84 18.78
N GLY B 158 -3.80 -17.50 17.67
CA GLY B 158 -3.41 -18.90 17.71
C GLY B 158 -1.95 -19.15 17.38
N VAL B 159 -1.34 -20.06 18.13
CA VAL B 159 0.06 -20.41 17.92
C VAL B 159 0.24 -21.92 17.81
N GLY B 160 0.93 -22.35 16.75
CA GLY B 160 1.32 -23.73 16.61
C GLY B 160 2.83 -23.84 16.64
N LEU B 161 3.38 -24.41 17.70
CA LEU B 161 4.81 -24.48 17.89
C LEU B 161 5.32 -25.92 17.87
N ASN B 162 6.16 -26.24 16.90
CA ASN B 162 6.71 -27.59 16.78
C ASN B 162 7.74 -27.89 17.85
N VAL B 163 7.42 -28.82 18.73
CA VAL B 163 8.30 -29.17 19.85
C VAL B 163 9.10 -30.43 19.52
N THR B 164 8.39 -31.53 19.27
CA THR B 164 9.03 -32.78 18.85
C THR B 164 8.45 -33.23 17.51
N GLN B 165 7.73 -32.32 16.86
CA GLN B 165 7.06 -32.61 15.60
C GLN B 165 8.04 -32.93 14.48
N ALA B 166 7.88 -34.10 13.87
CA ALA B 166 8.71 -34.48 12.73
C ALA B 166 8.17 -33.84 11.45
N PRO B 167 9.06 -33.22 10.66
CA PRO B 167 8.70 -32.56 9.40
C PRO B 167 7.95 -33.50 8.45
N GLU B 168 8.33 -34.77 8.45
CA GLU B 168 7.69 -35.76 7.58
C GLU B 168 6.23 -36.02 7.99
N GLU B 169 5.87 -35.55 9.18
CA GLU B 169 4.51 -35.75 9.69
C GLU B 169 3.57 -34.59 9.33
N VAL B 170 4.13 -33.42 9.01
CA VAL B 170 3.32 -32.24 8.80
C VAL B 170 3.63 -31.45 7.52
N ASP B 171 4.91 -31.19 7.27
CA ASP B 171 5.33 -30.39 6.12
C ASP B 171 6.85 -30.49 5.98
N PRO B 172 7.34 -30.71 4.76
CA PRO B 172 8.78 -30.95 4.57
C PRO B 172 9.63 -29.70 4.82
N ASP B 173 9.01 -28.54 4.97
CA ASP B 173 9.74 -27.32 5.26
C ASP B 173 9.68 -26.98 6.75
N ALA B 174 9.06 -27.86 7.52
CA ALA B 174 8.93 -27.66 8.96
C ALA B 174 10.18 -28.06 9.72
N THR B 175 10.30 -27.56 10.94
CA THR B 175 11.35 -27.98 11.85
C THR B 175 10.80 -27.94 13.27
N SER B 176 11.49 -28.58 14.20
CA SER B 176 11.05 -28.59 15.59
C SER B 176 12.23 -28.37 16.53
N LEU B 177 11.94 -28.12 17.80
CA LEU B 177 12.98 -27.94 18.80
C LEU B 177 13.86 -29.18 18.90
N LEU B 178 13.24 -30.35 18.84
CA LEU B 178 13.98 -31.61 18.90
C LEU B 178 14.93 -31.75 17.71
N ASP B 179 14.45 -31.38 16.53
CA ASP B 179 15.26 -31.45 15.32
C ASP B 179 16.36 -30.39 15.32
N LEU B 180 16.19 -29.37 16.15
CA LEU B 180 17.16 -28.28 16.24
C LEU B 180 18.24 -28.54 17.28
N GLY B 181 18.17 -29.69 17.93
CA GLY B 181 19.20 -30.08 18.87
C GLY B 181 18.79 -30.08 20.34
N VAL B 182 17.56 -29.68 20.63
CA VAL B 182 17.06 -29.73 21.99
C VAL B 182 16.75 -31.17 22.37
N ALA B 183 17.58 -31.75 23.22
CA ALA B 183 17.53 -33.18 23.55
C ALA B 183 16.18 -33.65 24.04
N ALA B 184 15.71 -33.08 25.15
CA ALA B 184 14.43 -33.47 25.73
C ALA B 184 13.60 -32.24 26.07
N PRO B 185 12.90 -31.68 25.07
CA PRO B 185 12.08 -30.48 25.28
C PRO B 185 10.95 -30.72 26.27
N ASP B 186 10.81 -29.81 27.24
CA ASP B 186 9.73 -29.90 28.22
C ASP B 186 8.60 -28.97 27.82
N ARG B 187 7.50 -29.54 27.32
CA ARG B 187 6.40 -28.74 26.81
C ARG B 187 5.72 -27.90 27.88
N ASN B 188 5.67 -28.41 29.11
CA ASN B 188 5.08 -27.65 30.21
C ASN B 188 5.84 -26.36 30.49
N ARG B 189 7.16 -26.47 30.56
CA ARG B 189 8.00 -25.31 30.84
C ARG B 189 8.00 -24.33 29.69
N ILE B 190 8.02 -24.84 28.46
CA ILE B 190 8.01 -23.98 27.28
C ILE B 190 6.67 -23.26 27.14
N ALA B 191 5.58 -23.98 27.38
CA ALA B 191 4.24 -23.39 27.29
C ALA B 191 4.05 -22.28 28.32
N SER B 192 4.54 -22.53 29.53
CA SER B 192 4.44 -21.56 30.61
C SER B 192 5.20 -20.29 30.25
N ARG B 193 6.41 -20.47 29.71
CA ARG B 193 7.23 -19.34 29.30
C ARG B 193 6.57 -18.61 28.13
N LEU B 194 6.05 -19.37 27.17
CA LEU B 194 5.40 -18.81 26.00
C LEU B 194 4.23 -17.91 26.37
N LEU B 195 3.43 -18.35 27.33
CA LEU B 195 2.26 -17.59 27.73
C LEU B 195 2.65 -16.31 28.48
N ARG B 196 3.77 -16.35 29.20
CA ARG B 196 4.27 -15.14 29.84
C ARG B 196 4.79 -14.16 28.80
N GLU B 197 5.52 -14.66 27.81
CA GLU B 197 6.04 -13.82 26.74
C GLU B 197 4.90 -13.23 25.92
N LEU B 198 3.87 -14.04 25.67
CA LEU B 198 2.71 -13.57 24.93
C LEU B 198 2.02 -12.41 25.65
N GLU B 199 1.82 -12.54 26.95
CA GLU B 199 1.18 -11.46 27.71
C GLU B 199 1.99 -10.18 27.59
N ALA B 200 3.32 -10.31 27.70
CA ALA B 200 4.21 -9.16 27.63
C ALA B 200 4.06 -8.42 26.31
N ARG B 201 4.07 -9.17 25.21
CA ARG B 201 4.00 -8.56 23.88
C ARG B 201 2.62 -8.01 23.57
N ILE B 202 1.57 -8.65 24.10
CA ILE B 202 0.22 -8.17 23.90
C ILE B 202 0.02 -6.84 24.61
N ILE B 203 0.53 -6.75 25.83
CA ILE B 203 0.43 -5.52 26.61
C ILE B 203 1.24 -4.40 25.96
N GLN B 204 2.39 -4.74 25.41
CA GLN B 204 3.20 -3.78 24.66
C GLN B 204 2.45 -3.29 23.43
N TRP B 205 1.74 -4.22 22.77
CA TRP B 205 0.93 -3.87 21.61
C TRP B 205 -0.23 -2.97 22.02
N ARG B 206 -0.88 -3.33 23.12
CA ARG B 206 -2.05 -2.60 23.60
CA ARG B 206 -2.05 -2.61 23.62
C ARG B 206 -1.72 -1.17 23.99
N ASN B 207 -0.63 -0.98 24.71
CA ASN B 207 -0.22 0.34 25.18
C ASN B 207 0.62 1.09 24.17
N ALA B 208 0.65 0.59 22.93
CA ALA B 208 1.42 1.17 21.85
C ALA B 208 2.88 1.38 22.24
N ASN B 209 3.43 0.42 22.97
CA ASN B 209 4.84 0.47 23.37
C ASN B 209 5.73 0.39 22.15
N PRO B 210 6.55 1.44 21.93
CA PRO B 210 7.45 1.55 20.78
C PRO B 210 8.41 0.36 20.70
N GLN B 211 8.73 -0.20 21.86
CA GLN B 211 9.55 -1.39 21.94
C GLN B 211 8.76 -2.60 21.46
N LEU B 212 8.42 -2.62 20.17
CA LEU B 212 7.70 -3.74 19.56
C LEU B 212 7.92 -3.78 18.06
N ALA B 213 7.63 -2.68 17.39
CA ALA B 213 7.75 -2.59 15.95
C ALA B 213 9.21 -2.63 15.49
N ALA B 214 10.08 -1.95 16.23
CA ALA B 214 11.49 -1.98 15.90
C ALA B 214 12.14 -3.29 16.34
N ASP B 215 11.62 -3.87 17.41
CA ASP B 215 12.13 -5.17 17.85
C ASP B 215 11.81 -6.23 16.82
N TYR B 216 10.62 -6.15 16.24
CA TYR B 216 10.23 -7.08 15.18
C TYR B 216 11.20 -6.99 14.01
N ARG B 217 11.47 -5.76 13.57
CA ARG B 217 12.38 -5.54 12.45
C ARG B 217 13.81 -5.95 12.81
N ALA B 218 14.13 -5.91 14.09
CA ALA B 218 15.44 -6.33 14.57
C ALA B 218 15.63 -7.83 14.43
N ARG B 219 14.58 -8.59 14.71
CA ARG B 219 14.64 -10.05 14.60
C ARG B 219 14.04 -10.52 13.29
N SER B 220 13.68 -9.58 12.42
CA SER B 220 13.09 -9.91 11.13
C SER B 220 14.13 -10.48 10.16
N LEU B 221 13.79 -11.60 9.54
CA LEU B 221 14.63 -12.19 8.50
C LEU B 221 14.22 -11.66 7.13
N THR B 222 13.09 -10.95 7.10
CA THR B 222 12.52 -10.45 5.85
C THR B 222 13.05 -9.06 5.51
N ILE B 223 13.02 -8.16 6.47
CA ILE B 223 13.49 -6.78 6.28
C ILE B 223 14.94 -6.76 5.80
N GLY B 224 15.17 -6.03 4.71
CA GLY B 224 16.50 -5.88 4.16
C GLY B 224 16.82 -6.89 3.08
N SER B 225 15.94 -7.87 2.90
CA SER B 225 16.16 -8.93 1.93
CA SER B 225 16.16 -8.93 1.93
C SER B 225 15.34 -8.70 0.66
N ARG B 226 15.88 -9.14 -0.47
CA ARG B 226 15.09 -9.18 -1.70
C ARG B 226 14.13 -10.33 -1.52
N VAL B 227 12.84 -10.08 -1.71
CA VAL B 227 11.84 -11.11 -1.47
C VAL B 227 10.86 -11.25 -2.60
N ARG B 228 10.26 -12.43 -2.68
CA ARG B 228 9.19 -12.68 -3.62
CA ARG B 228 9.19 -12.69 -3.62
C ARG B 228 7.89 -12.90 -2.85
N VAL B 229 6.93 -12.00 -3.04
CA VAL B 229 5.67 -12.11 -2.34
C VAL B 229 4.63 -12.73 -3.26
N GLU B 230 4.18 -13.93 -2.91
CA GLU B 230 3.22 -14.64 -3.75
C GLU B 230 1.81 -14.13 -3.52
N LEU B 231 1.10 -13.90 -4.61
CA LEU B 231 -0.26 -13.37 -4.57
C LEU B 231 -1.20 -14.26 -5.38
N PRO B 232 -2.49 -14.25 -5.05
CA PRO B 232 -3.49 -15.05 -5.77
C PRO B 232 -3.49 -14.79 -7.28
N GLY B 233 -3.93 -15.78 -8.05
CA GLY B 233 -3.97 -15.65 -9.49
C GLY B 233 -2.64 -15.96 -10.13
N GLY B 234 -1.83 -16.76 -9.45
CA GLY B 234 -0.53 -17.17 -9.96
C GLY B 234 0.41 -16.00 -10.15
N GLN B 235 0.23 -14.96 -9.35
CA GLN B 235 1.04 -13.75 -9.47
C GLN B 235 2.06 -13.64 -8.33
N ASP B 236 2.98 -12.70 -8.50
CA ASP B 236 4.01 -12.45 -7.51
C ASP B 236 4.65 -11.09 -7.72
N VAL B 237 5.01 -10.43 -6.63
CA VAL B 237 5.75 -9.18 -6.73
C VAL B 237 7.09 -9.32 -6.02
N VAL B 238 8.16 -8.95 -6.72
CA VAL B 238 9.50 -9.02 -6.16
C VAL B 238 9.98 -7.61 -5.81
N GLY B 239 10.60 -7.48 -4.65
CA GLY B 239 11.16 -6.21 -4.22
C GLY B 239 12.00 -6.37 -2.98
N ILE B 240 12.62 -5.27 -2.55
CA ILE B 240 13.37 -5.29 -1.31
C ILE B 240 12.45 -4.93 -0.14
N ALA B 241 12.37 -5.81 0.84
CA ALA B 241 11.57 -5.53 2.02
C ALA B 241 12.24 -4.43 2.85
N ARG B 242 11.59 -3.28 2.92
CA ARG B 242 12.19 -2.11 3.56
C ARG B 242 11.61 -1.82 4.94
N ASP B 243 10.35 -2.14 5.14
CA ASP B 243 9.66 -1.77 6.38
C ASP B 243 8.36 -2.53 6.58
N ILE B 244 7.83 -2.46 7.80
CA ILE B 244 6.48 -2.91 8.11
C ILE B 244 5.70 -1.67 8.58
N ASP B 245 4.58 -1.36 7.94
CA ASP B 245 3.88 -0.12 8.27
C ASP B 245 3.02 -0.30 9.53
N ASP B 246 2.25 0.74 9.86
CA ASP B 246 1.46 0.75 11.08
C ASP B 246 0.33 -0.27 11.06
N GLN B 247 0.04 -0.83 9.90
CA GLN B 247 -1.02 -1.83 9.77
C GLN B 247 -0.46 -3.24 9.76
N GLY B 248 0.86 -3.35 9.91
CA GLY B 248 1.52 -4.65 9.89
C GLY B 248 1.74 -5.16 8.48
N ARG B 249 1.68 -4.27 7.50
CA ARG B 249 1.81 -4.66 6.10
C ARG B 249 3.26 -4.49 5.63
N LEU B 250 3.65 -5.28 4.64
CA LEU B 250 5.02 -5.28 4.16
C LEU B 250 5.25 -4.17 3.12
N CYS B 251 6.24 -3.33 3.39
CA CYS B 251 6.59 -2.25 2.48
C CYS B 251 7.78 -2.65 1.61
N LEU B 252 7.55 -2.77 0.31
CA LEU B 252 8.59 -3.19 -0.62
C LEU B 252 9.16 -2.03 -1.42
N ASP B 253 10.46 -2.08 -1.67
CA ASP B 253 11.07 -1.24 -2.70
C ASP B 253 10.99 -1.98 -4.03
N VAL B 254 10.14 -1.50 -4.92
CA VAL B 254 10.01 -2.08 -6.25
C VAL B 254 10.38 -1.06 -7.32
N GLY B 255 11.55 -1.26 -7.93
CA GLY B 255 12.02 -0.37 -8.98
C GLY B 255 12.27 1.05 -8.51
N GLY B 256 12.49 1.23 -7.21
CA GLY B 256 12.77 2.54 -6.67
C GLY B 256 11.58 3.21 -6.00
N ARG B 257 10.41 2.57 -6.06
CA ARG B 257 9.21 3.13 -5.46
C ARG B 257 8.53 2.13 -4.53
N THR B 258 7.68 2.62 -3.64
CA THR B 258 7.08 1.77 -2.61
C THR B 258 5.84 1.03 -3.08
N VAL B 259 5.82 -0.27 -2.81
CA VAL B 259 4.63 -1.09 -2.96
C VAL B 259 4.32 -1.73 -1.61
N VAL B 260 3.08 -1.64 -1.17
CA VAL B 260 2.69 -2.20 0.11
C VAL B 260 1.79 -3.42 -0.08
N VAL B 261 2.10 -4.49 0.64
CA VAL B 261 1.31 -5.72 0.55
C VAL B 261 0.74 -6.10 1.91
N SER B 262 -0.57 -6.35 1.96
CA SER B 262 -1.26 -6.60 3.22
C SER B 262 -0.90 -7.96 3.82
N ALA B 263 -0.91 -8.99 2.99
CA ALA B 263 -0.61 -10.34 3.44
C ALA B 263 -0.30 -11.24 2.25
N GLY B 264 0.67 -12.13 2.43
CA GLY B 264 1.04 -13.06 1.38
C GLY B 264 2.18 -13.96 1.80
N ASP B 265 2.44 -15.00 1.01
CA ASP B 265 3.53 -15.92 1.28
C ASP B 265 4.84 -15.35 0.73
N VAL B 266 5.82 -15.22 1.60
CA VAL B 266 7.10 -14.62 1.23
C VAL B 266 8.16 -15.68 0.98
N VAL B 267 8.90 -15.52 -0.11
CA VAL B 267 10.10 -16.31 -0.35
C VAL B 267 11.32 -15.39 -0.30
N HIS B 268 12.21 -15.64 0.65
CA HIS B 268 13.44 -14.87 0.73
C HIS B 268 14.36 -15.26 -0.42
N LEU B 269 14.71 -14.28 -1.25
CA LEU B 269 15.52 -14.55 -2.42
C LEU B 269 17.00 -14.40 -2.09
N ARG B 270 17.53 -15.38 -1.36
CA ARG B 270 18.94 -15.40 -0.98
C ARG B 270 19.33 -16.77 -0.45
CAO 44J C . 4.14 20.67 -20.02
CBA 44J C . 6.93 18.91 -19.77
CBF 44J C . 5.08 20.04 -19.01
CBE 44J C . 3.40 8.83 -22.88
CAZ 44J C . 2.73 11.95 -18.87
CAM 44J C . 3.58 8.64 -25.24
CAK 44J C . 3.65 16.69 -20.21
CAX 44J C . 2.18 9.55 -23.46
CAL 44J C . 4.43 8.86 -24.00
CAN 44J C . 3.86 9.44 -21.56
CBI 44J C . 4.83 18.53 -18.89
NAU 44J C . 6.07 17.97 -19.40
OAC 44J C . 8.02 18.70 -20.29
NAT 44J C . 6.44 20.11 -19.51
SAY 44J C . 3.59 19.33 -21.01
CBH 44J C . 3.62 18.13 -19.72
CAI 44J C . 3.48 15.73 -19.04
CAH 44J C . 3.27 14.29 -19.52
CAJ 44J C . 3.15 13.32 -18.36
OAB 44J C . 1.61 11.78 -19.33
NAV 44J C . 3.63 10.98 -18.80
SBK 44J C . 3.22 9.44 -19.05
OAD 44J C . 4.35 8.61 -18.74
OAE 44J C . 2.13 9.10 -18.19
NAW 44J C . 2.77 9.22 -20.58
OAL 44J C . 5.07 10.14 -24.06
OAM 44J C . 4.28 9.01 -26.43
CBG 44J C . 2.29 9.43 -24.98
N9 44J C . 2.23 10.80 -25.55
C8 44J C . 3.22 11.57 -26.03
N7 44J C . 2.71 12.76 -26.44
C5 44J C . 1.39 12.73 -26.20
C4 44J C . 1.09 11.50 -25.64
N3 44J C . -0.18 11.20 -25.30
C2 44J C . -1.16 12.09 -25.50
N1 44J C . -0.90 13.30 -26.03
C6 44J C . 0.36 13.64 -26.39
N6 44J C . 0.60 14.86 -26.92
CAO 44J D . -3.40 -23.37 17.12
CBA 44J D . -5.53 -23.31 14.61
CBF 44J D . -4.32 -22.44 16.35
CBE 44J D . 1.26 -23.88 5.83
CAZ 44J D . 0.19 -20.38 9.48
CAM 44J D . 1.67 -26.16 5.31
CAK 44J D . -1.77 -22.71 13.49
CAX 44J D . 2.38 -24.33 6.76
CAL 44J D . 0.54 -25.15 5.41
CAN 44J D . 0.38 -22.81 6.47
CBI 44J D . -3.69 -21.98 15.03
NAU 44J D . -4.55 -22.63 14.03
OAC 44J D . -6.35 -23.98 14.01
NAT 44J D . -5.48 -23.18 15.92
SAY 44J D . -2.26 -23.93 15.91
CBH 44J D . -2.26 -22.47 14.93
CAI 44J D . -1.60 -21.38 12.76
CAH 44J D . -0.88 -21.54 11.42
CAJ 44J D . -0.70 -20.22 10.70
OAB 44J D . 1.37 -20.62 9.61
NAV 44J D . -0.42 -20.27 8.29
SBK 44J D . 0.44 -20.25 6.93
OAD 44J D . -0.45 -20.06 5.83
OAE 44J D . 1.39 -19.18 6.98
NAW 44J D . 1.25 -21.64 6.76
OAL 44J D . -0.40 -25.57 6.40
OAM 44J D . 1.21 -27.52 5.31
CBG 44J D . 2.63 -25.81 6.46
N9 44J D . 2.42 -26.57 7.73
C8 44J D . 1.38 -27.33 8.11
N7 44J D . 1.61 -27.83 9.35
C5 44J D . 2.81 -27.38 9.74
C4 44J D . 3.32 -26.59 8.71
N3 44J D . 4.53 -26.01 8.85
C2 44J D . 5.24 -26.19 9.98
N1 44J D . 4.78 -26.95 10.98
C6 44J D . 3.58 -27.55 10.89
N6 44J D . 3.12 -28.31 11.92
#